data_7O0M
#
_entry.id   7O0M
#
_cell.length_a   64.070
_cell.length_b   64.070
_cell.length_c   225.080
_cell.angle_alpha   90.000
_cell.angle_beta   90.000
_cell.angle_gamma   120.000
#
_symmetry.space_group_name_H-M   'P 32 2 1'
#
loop_
_entity.id
_entity.type
_entity.pdbx_description
1 polymer 'N6-adenosine-methyltransferase catalytic subunit'
2 polymer 'N6-adenosine-methyltransferase non-catalytic subunit'
3 non-polymer 4-[4-[(4,4-dimethylpiperidin-1-yl)methyl]phenyl]-9-[6-[(phenylmethyl)amino]pyrimidin-4-yl]-1,4,9-triazaspiro[5.5]undecan-2-one
4 non-polymer 'ACETATE ION'
5 water water
#
loop_
_entity_poly.entity_id
_entity_poly.type
_entity_poly.pdbx_seq_one_letter_code
_entity_poly.pdbx_strand_id
1 'polypeptide(L)'
;MGHHHHHHSSGRENLYFQGALTQSVGGDSSADRLFPPQWICCDIRYLDVSILGKFAVVMADPPWDIHMELPYGTLTDDEM
RRLNIPVLQDDGFLFLWVTGRAMELGRECLNLWGYERVDEIIWVKTNQLQRIIRTGRTGHWLNHGKEHCLVGVKGNPQGF
NQGLDCDVIVAEVRSTSHKPDEIYGMIERLSPGTRKIELFGRPHNVQPNWITLGNQLDGIHLLDPDVVARFKQRYPDGII
SKPKNL
;
A
2 'polypeptide(L)'
;MLKGTQSLNPHNDYCQHFVDTGHRPQNFIRDVGLADRFEEYPKLRELIRLKDELIAKSNTPPMYLQADIEAFDIRELTPK
FDVILLEPPLEEYYRETGITANEKCWTWDDIMKLEIDEIAAPRSFIFLWCGSGEGLDLGRVCLRKWGYRRCEDICWIKTN
KNNPGKTKTLDPKAVFQRTKEHCLMGIKGTVKRSTDGDFIHANVDIDLIITEEPEIGNIEKPVEIFHIIEHFCLGRRRLH
LFGRDSTIRPGWLTVGPTLTNSNYNAETYASYFSAPNSYLTGCTEEIERL
;
B
#
# COMPACT_ATOMS: atom_id res chain seq x y z
N LEU A 34 -18.06 -5.64 -29.93
CA LEU A 34 -18.37 -4.30 -30.42
C LEU A 34 -17.54 -3.23 -29.73
N PHE A 35 -16.47 -2.79 -30.39
CA PHE A 35 -15.49 -1.88 -29.80
C PHE A 35 -16.04 -0.67 -29.05
N PRO A 36 -17.14 -0.01 -29.47
CA PRO A 36 -17.50 1.31 -28.82
C PRO A 36 -17.98 1.14 -27.38
N PRO A 37 -18.09 2.25 -26.63
CA PRO A 37 -18.58 2.16 -25.25
C PRO A 37 -19.96 1.53 -25.17
N GLN A 38 -20.21 0.84 -24.06
CA GLN A 38 -21.47 0.19 -23.76
C GLN A 38 -21.69 0.34 -22.26
N TRP A 39 -22.94 0.27 -21.84
CA TRP A 39 -23.20 0.39 -20.41
C TRP A 39 -24.59 -0.12 -20.09
N ILE A 40 -24.83 -0.36 -18.80
CA ILE A 40 -26.08 -0.88 -18.27
C ILE A 40 -26.32 -0.15 -16.95
N CYS A 41 -27.35 0.70 -16.92
CA CYS A 41 -27.85 1.21 -15.64
C CYS A 41 -28.53 0.07 -14.89
N CYS A 42 -28.05 -0.21 -13.69
CA CYS A 42 -28.62 -1.30 -12.90
C CYS A 42 -28.15 -1.16 -11.47
N ASP A 43 -28.67 -2.04 -10.64
CA ASP A 43 -28.16 -2.25 -9.29
C ASP A 43 -27.27 -3.47 -9.39
N ILE A 44 -25.97 -3.28 -9.17
CA ILE A 44 -25.07 -4.39 -9.42
C ILE A 44 -25.34 -5.55 -8.47
N ARG A 45 -26.05 -5.29 -7.36
CA ARG A 45 -26.42 -6.38 -6.46
C ARG A 45 -27.36 -7.36 -7.14
N TYR A 46 -28.30 -6.85 -7.93
CA TYR A 46 -29.39 -7.65 -8.43
C TYR A 46 -29.26 -8.03 -9.90
N LEU A 47 -28.21 -7.61 -10.58
CA LEU A 47 -28.07 -7.90 -12.00
C LEU A 47 -27.39 -9.26 -12.19
N ASP A 48 -27.98 -10.07 -13.05
CA ASP A 48 -27.42 -11.37 -13.44
C ASP A 48 -26.28 -11.11 -14.41
N VAL A 49 -25.06 -11.00 -13.87
CA VAL A 49 -23.90 -10.69 -14.69
C VAL A 49 -23.45 -11.85 -15.56
N SER A 50 -24.02 -13.04 -15.38
CA SER A 50 -23.70 -14.17 -16.25
C SER A 50 -24.04 -13.91 -17.71
N ILE A 51 -24.97 -12.99 -17.99
CA ILE A 51 -25.31 -12.68 -19.37
C ILE A 51 -24.19 -11.96 -20.10
N LEU A 52 -23.21 -11.43 -19.38
CA LEU A 52 -22.23 -10.52 -19.96
C LEU A 52 -21.03 -11.22 -20.59
N GLY A 53 -20.86 -12.51 -20.34
CA GLY A 53 -19.70 -13.20 -20.87
C GLY A 53 -18.47 -13.02 -20.01
N LYS A 54 -17.31 -13.29 -20.60
CA LYS A 54 -16.03 -13.34 -19.92
C LYS A 54 -15.17 -12.16 -20.34
N PHE A 55 -14.37 -11.63 -19.42
CA PHE A 55 -13.59 -10.44 -19.69
C PHE A 55 -12.14 -10.66 -19.36
N ALA A 56 -11.27 -10.02 -20.14
CA ALA A 56 -9.85 -10.14 -19.87
C ALA A 56 -9.44 -9.30 -18.67
N VAL A 57 -10.20 -8.23 -18.37
CA VAL A 57 -9.92 -7.32 -17.26
C VAL A 57 -11.24 -6.95 -16.61
N VAL A 58 -11.28 -7.01 -15.28
CA VAL A 58 -12.35 -6.41 -14.49
C VAL A 58 -11.77 -5.25 -13.70
N MET A 59 -12.48 -4.13 -13.69
CA MET A 59 -12.18 -3.03 -12.77
C MET A 59 -13.39 -2.71 -11.92
N ALA A 60 -13.13 -2.39 -10.65
CA ALA A 60 -14.17 -2.03 -9.72
C ALA A 60 -13.71 -0.92 -8.77
N ASP A 61 -14.58 0.04 -8.51
CA ASP A 61 -14.32 1.10 -7.54
C ASP A 61 -15.49 1.12 -6.55
N PRO A 62 -15.56 0.12 -5.68
CA PRO A 62 -16.81 -0.11 -4.96
C PRO A 62 -17.07 1.01 -3.96
N PRO A 63 -18.35 1.35 -3.72
CA PRO A 63 -18.68 2.27 -2.63
C PRO A 63 -18.67 1.52 -1.30
N TRP A 64 -17.47 1.27 -0.80
CA TRP A 64 -17.32 0.56 0.47
C TRP A 64 -18.03 1.32 1.58
N ASP A 65 -18.64 0.56 2.49
CA ASP A 65 -19.20 1.05 3.74
C ASP A 65 -18.11 1.40 4.73
N ILE A 66 -17.26 2.38 4.39
CA ILE A 66 -16.16 2.77 5.26
C ILE A 66 -16.64 3.95 6.08
N GLY A 73 -25.00 5.73 -2.42
CA GLY A 73 -25.41 4.47 -1.81
C GLY A 73 -24.36 3.34 -1.79
N THR A 74 -23.95 2.95 -0.58
CA THR A 74 -22.91 1.96 -0.36
C THR A 74 -23.46 0.53 -0.39
N LEU A 75 -22.55 -0.43 -0.20
CA LEU A 75 -22.86 -1.83 -0.05
C LEU A 75 -22.24 -2.31 1.25
N THR A 76 -22.94 -3.20 1.96
CA THR A 76 -22.35 -3.76 3.17
C THR A 76 -21.23 -4.71 2.80
N ASP A 77 -20.47 -5.12 3.81
CA ASP A 77 -19.37 -6.03 3.54
C ASP A 77 -19.86 -7.36 2.99
N ASP A 78 -20.98 -7.86 3.52
CA ASP A 78 -21.52 -9.13 3.01
C ASP A 78 -21.96 -8.98 1.56
N GLU A 79 -22.57 -7.83 1.22
CA GLU A 79 -22.99 -7.62 -0.16
C GLU A 79 -21.77 -7.63 -1.07
N MET A 80 -20.68 -6.98 -0.66
CA MET A 80 -19.47 -6.99 -1.47
C MET A 80 -18.88 -8.40 -1.59
N ARG A 81 -18.83 -9.15 -0.49
CA ARG A 81 -18.37 -10.54 -0.60
C ARG A 81 -19.26 -11.34 -1.54
N ARG A 82 -20.55 -11.02 -1.56
CA ARG A 82 -21.50 -11.86 -2.27
C ARG A 82 -21.56 -11.55 -3.76
N LEU A 83 -21.02 -10.41 -4.21
CA LEU A 83 -21.00 -10.07 -5.64
C LEU A 83 -20.51 -11.24 -6.49
N ASN A 84 -21.18 -11.46 -7.62
CA ASN A 84 -20.85 -12.61 -8.47
C ASN A 84 -19.69 -12.31 -9.40
N ILE A 85 -18.62 -11.74 -8.86
CA ILE A 85 -17.35 -11.51 -9.56
C ILE A 85 -16.78 -12.79 -10.19
N PRO A 86 -16.87 -13.96 -9.54
CA PRO A 86 -16.19 -15.15 -10.11
C PRO A 86 -16.64 -15.54 -11.50
N VAL A 87 -17.88 -15.20 -11.89
CA VAL A 87 -18.37 -15.64 -13.20
C VAL A 87 -17.83 -14.77 -14.32
N LEU A 88 -17.29 -13.60 -13.98
CA LEU A 88 -16.92 -12.63 -14.99
C LEU A 88 -15.63 -12.98 -15.73
N GLN A 89 -14.77 -13.83 -15.18
CA GLN A 89 -13.52 -14.15 -15.86
C GLN A 89 -13.14 -15.60 -15.64
N ASP A 90 -12.39 -16.14 -16.59
CA ASP A 90 -11.62 -17.37 -16.45
C ASP A 90 -10.12 -17.10 -16.33
N ASP A 91 -9.58 -16.23 -17.19
CA ASP A 91 -8.17 -15.89 -17.12
C ASP A 91 -8.00 -14.40 -17.36
N GLY A 92 -7.47 -13.69 -16.37
CA GLY A 92 -7.29 -12.27 -16.54
C GLY A 92 -7.07 -11.56 -15.22
N PHE A 93 -7.21 -10.25 -15.28
CA PHE A 93 -6.80 -9.41 -14.17
C PHE A 93 -7.99 -8.66 -13.59
N LEU A 94 -7.91 -8.42 -12.28
CA LEU A 94 -8.87 -7.61 -11.55
C LEU A 94 -8.15 -6.39 -11.02
N PHE A 95 -8.77 -5.21 -11.22
CA PHE A 95 -8.29 -3.94 -10.67
C PHE A 95 -9.32 -3.43 -9.69
N LEU A 96 -8.92 -3.28 -8.43
CA LEU A 96 -9.84 -3.06 -7.31
C LEU A 96 -9.40 -1.86 -6.45
N TRP A 97 -10.08 -0.72 -6.62
CA TRP A 97 -9.77 0.45 -5.80
C TRP A 97 -10.22 0.23 -4.38
N VAL A 98 -9.40 0.68 -3.42
CA VAL A 98 -9.64 0.49 -2.00
C VAL A 98 -9.16 1.73 -1.24
N THR A 99 -9.61 1.84 -0.01
CA THR A 99 -9.27 3.00 0.82
C THR A 99 -9.59 2.65 2.26
N GLY A 100 -8.87 3.27 3.18
CA GLY A 100 -9.19 3.08 4.58
C GLY A 100 -9.17 1.60 4.92
N ARG A 101 -10.24 1.14 5.59
CA ARG A 101 -10.30 -0.25 6.04
C ARG A 101 -10.65 -1.21 4.92
N ALA A 102 -11.07 -0.68 3.77
CA ALA A 102 -11.27 -1.51 2.60
C ALA A 102 -9.96 -2.01 2.03
N MET A 103 -8.83 -1.45 2.46
CA MET A 103 -7.54 -2.02 2.10
C MET A 103 -7.46 -3.49 2.50
N GLU A 104 -7.95 -3.79 3.71
CA GLU A 104 -8.00 -5.17 4.19
C GLU A 104 -9.22 -5.89 3.63
N LEU A 105 -10.39 -5.23 3.68
CA LEU A 105 -11.59 -5.85 3.14
C LEU A 105 -11.44 -6.16 1.67
N GLY A 106 -10.87 -5.22 0.90
CA GLY A 106 -10.69 -5.49 -0.52
C GLY A 106 -9.77 -6.66 -0.77
N ARG A 107 -8.77 -6.85 0.09
CA ARG A 107 -7.93 -8.04 -0.04
C ARG A 107 -8.75 -9.29 0.21
N GLU A 108 -9.70 -9.22 1.16
CA GLU A 108 -10.54 -10.37 1.47
C GLU A 108 -11.43 -10.71 0.29
N CYS A 109 -12.16 -9.72 -0.22
CA CYS A 109 -12.99 -9.93 -1.40
C CYS A 109 -12.16 -10.50 -2.55
N LEU A 110 -10.99 -9.89 -2.78
CA LEU A 110 -10.18 -10.31 -3.90
C LEU A 110 -9.79 -11.77 -3.78
N ASN A 111 -9.40 -12.22 -2.59
CA ASN A 111 -9.09 -13.64 -2.40
C ASN A 111 -10.35 -14.48 -2.44
N LEU A 112 -11.42 -14.04 -1.76
CA LEU A 112 -12.66 -14.80 -1.79
C LEU A 112 -13.11 -15.03 -3.21
N TRP A 113 -13.02 -14.00 -4.06
CA TRP A 113 -13.51 -14.13 -5.43
C TRP A 113 -12.65 -15.00 -6.29
N GLY A 114 -11.52 -15.50 -5.77
CA GLY A 114 -10.63 -16.39 -6.52
C GLY A 114 -9.37 -15.77 -7.10
N TYR A 115 -9.02 -14.55 -6.71
CA TYR A 115 -7.82 -13.93 -7.22
C TYR A 115 -6.68 -14.01 -6.22
N GLU A 116 -5.47 -13.87 -6.74
CA GLU A 116 -4.27 -13.63 -5.96
C GLU A 116 -3.80 -12.21 -6.23
N ARG A 117 -3.51 -11.44 -5.18
CA ARG A 117 -3.04 -10.08 -5.36
C ARG A 117 -1.58 -10.11 -5.79
N VAL A 118 -1.28 -9.60 -6.99
CA VAL A 118 0.07 -9.67 -7.55
C VAL A 118 0.69 -8.31 -7.80
N ASP A 119 -0.02 -7.22 -7.59
CA ASP A 119 0.55 -5.89 -7.76
C ASP A 119 -0.36 -4.94 -7.02
N GLU A 120 0.09 -3.70 -6.91
CA GLU A 120 -0.73 -2.69 -6.25
C GLU A 120 -0.33 -1.35 -6.80
N ILE A 121 -1.24 -0.70 -7.48
CA ILE A 121 -1.00 0.60 -8.07
C ILE A 121 -1.34 1.66 -7.05
N ILE A 122 -0.52 2.71 -6.97
CA ILE A 122 -0.89 3.88 -6.19
C ILE A 122 -0.95 5.08 -7.10
N TRP A 123 -1.98 5.90 -6.91
CA TRP A 123 -2.12 7.15 -7.64
C TRP A 123 -1.71 8.31 -6.73
N VAL A 124 -0.60 8.95 -7.06
CA VAL A 124 -0.14 10.15 -6.35
C VAL A 124 -0.94 11.34 -6.86
N LYS A 125 -1.75 11.93 -5.99
CA LYS A 125 -2.68 13.01 -6.38
C LYS A 125 -1.95 14.35 -6.37
N THR A 126 -1.95 15.04 -7.52
CA THR A 126 -1.29 16.34 -7.69
C THR A 126 -2.29 17.41 -8.14
N ASN A 127 -1.80 18.65 -8.20
CA ASN A 127 -2.55 19.75 -8.83
C ASN A 127 -2.09 19.97 -10.26
N GLN A 128 -2.21 21.21 -10.75
CA GLN A 128 -1.78 21.54 -12.10
C GLN A 128 -0.32 22.00 -12.15
N LEU A 129 0.34 22.13 -10.99
CA LEU A 129 1.76 22.44 -10.90
C LEU A 129 2.59 21.24 -10.44
N GLN A 130 2.03 20.03 -10.52
CA GLN A 130 2.72 18.78 -10.15
C GLN A 130 3.24 18.81 -8.71
N ARG A 131 2.46 19.40 -7.82
CA ARG A 131 2.75 19.35 -6.39
C ARG A 131 1.75 18.40 -5.72
N ILE A 132 2.21 17.71 -4.68
CA ILE A 132 1.33 16.78 -3.98
C ILE A 132 0.30 17.56 -3.17
N ILE A 133 -0.94 17.11 -3.24
CA ILE A 133 -2.00 17.74 -2.47
C ILE A 133 -1.95 17.29 -1.01
CA GLY A 139 -6.62 7.88 8.30
C GLY A 139 -6.39 9.23 8.95
N HIS A 140 -6.30 9.23 10.28
CA HIS A 140 -6.17 10.45 11.06
C HIS A 140 -4.73 10.81 11.40
N TRP A 141 -3.79 9.88 11.23
CA TRP A 141 -2.41 10.11 11.64
C TRP A 141 -1.57 10.83 10.61
N LEU A 142 -1.91 10.65 9.32
CA LEU A 142 -1.14 11.20 8.22
C LEU A 142 -2.10 11.71 7.16
N ASN A 143 -1.70 12.79 6.50
CA ASN A 143 -2.47 13.26 5.34
C ASN A 143 -2.25 12.30 4.18
N HIS A 144 -3.30 12.07 3.41
CA HIS A 144 -3.31 11.02 2.40
C HIS A 144 -2.99 11.62 1.04
N GLY A 145 -1.80 11.32 0.54
CA GLY A 145 -1.35 11.83 -0.74
C GLY A 145 -1.59 10.91 -1.90
N LYS A 146 -2.35 9.84 -1.72
CA LYS A 146 -2.37 8.77 -2.69
C LYS A 146 -3.64 7.94 -2.51
N GLU A 147 -3.95 7.15 -3.53
CA GLU A 147 -5.06 6.21 -3.53
C GLU A 147 -4.53 4.88 -4.05
N HIS A 148 -5.04 3.79 -3.49
CA HIS A 148 -4.52 2.47 -3.80
C HIS A 148 -5.49 1.70 -4.69
N CYS A 149 -4.93 0.96 -5.65
CA CYS A 149 -5.69 0.07 -6.51
C CYS A 149 -5.04 -1.30 -6.47
N LEU A 150 -5.73 -2.29 -5.92
CA LEU A 150 -5.21 -3.63 -5.88
C LEU A 150 -5.32 -4.29 -7.24
N VAL A 151 -4.33 -5.11 -7.58
CA VAL A 151 -4.28 -5.85 -8.83
C VAL A 151 -4.27 -7.35 -8.54
N GLY A 152 -5.27 -8.06 -9.05
CA GLY A 152 -5.38 -9.49 -8.83
C GLY A 152 -5.34 -10.25 -10.14
N VAL A 153 -4.80 -11.46 -10.10
CA VAL A 153 -4.80 -12.37 -11.23
C VAL A 153 -5.63 -13.61 -10.90
N LYS A 154 -6.32 -14.11 -11.92
CA LYS A 154 -7.12 -15.34 -11.88
C LYS A 154 -6.69 -16.21 -13.03
N GLY A 155 -6.66 -17.52 -12.82
CA GLY A 155 -6.35 -18.40 -13.92
C GLY A 155 -4.92 -18.23 -14.38
N ASN A 156 -4.70 -18.44 -15.68
CA ASN A 156 -3.39 -18.24 -16.29
C ASN A 156 -3.57 -17.37 -17.54
N PRO A 157 -3.57 -16.06 -17.39
CA PRO A 157 -3.69 -15.19 -18.57
C PRO A 157 -2.43 -15.25 -19.41
N GLN A 158 -2.62 -15.19 -20.73
CA GLN A 158 -1.53 -15.34 -21.69
C GLN A 158 -1.65 -14.28 -22.76
N GLY A 159 -0.50 -13.80 -23.22
CA GLY A 159 -0.48 -12.76 -24.24
C GLY A 159 -0.74 -11.37 -23.71
N PHE A 160 -0.49 -11.13 -22.44
CA PHE A 160 -0.59 -9.80 -21.90
C PHE A 160 0.82 -9.20 -21.90
N ASN A 161 0.88 -7.88 -21.94
CA ASN A 161 2.16 -7.18 -21.96
C ASN A 161 2.48 -6.71 -20.55
N GLN A 162 2.95 -7.64 -19.73
CA GLN A 162 3.31 -7.32 -18.36
C GLN A 162 4.66 -6.62 -18.33
N GLY A 163 4.75 -5.58 -17.51
CA GLY A 163 5.97 -4.80 -17.38
C GLY A 163 6.08 -3.55 -18.24
N LEU A 164 5.03 -3.18 -18.97
CA LEU A 164 5.10 -1.98 -19.80
C LEU A 164 4.95 -0.72 -18.96
N ASP A 165 4.08 -0.75 -17.96
CA ASP A 165 3.87 0.40 -17.12
C ASP A 165 4.43 0.10 -15.74
N CYS A 166 4.68 1.16 -14.98
CA CYS A 166 5.07 0.99 -13.59
C CYS A 166 3.88 1.26 -12.68
N ASP A 167 4.05 0.92 -11.40
CA ASP A 167 2.94 0.83 -10.46
C ASP A 167 2.62 2.16 -9.79
N VAL A 168 3.05 3.28 -10.37
CA VAL A 168 2.78 4.60 -9.82
C VAL A 168 2.13 5.45 -10.90
N ILE A 169 0.97 6.02 -10.59
CA ILE A 169 0.30 7.00 -11.44
C ILE A 169 0.46 8.38 -10.79
N VAL A 170 0.84 9.37 -11.60
CA VAL A 170 0.93 10.76 -11.17
C VAL A 170 0.05 11.57 -12.09
N ALA A 171 -1.00 12.18 -11.55
CA ALA A 171 -2.06 12.74 -12.36
C ALA A 171 -2.88 13.69 -11.51
N GLU A 172 -3.42 14.72 -12.15
CA GLU A 172 -4.16 15.74 -11.41
C GLU A 172 -5.51 15.18 -10.95
N VAL A 173 -5.92 15.59 -9.75
CA VAL A 173 -7.26 15.26 -9.26
C VAL A 173 -8.26 16.05 -10.11
N ARG A 174 -9.00 15.35 -10.98
CA ARG A 174 -10.00 16.03 -11.79
C ARG A 174 -11.17 16.44 -10.89
N SER A 175 -12.32 15.79 -11.01
CA SER A 175 -13.39 16.10 -10.09
C SER A 175 -13.25 15.26 -8.82
N THR A 176 -14.09 15.53 -7.83
CA THR A 176 -14.03 14.75 -6.60
C THR A 176 -14.44 13.31 -6.88
N SER A 177 -13.83 12.38 -6.14
CA SER A 177 -14.13 10.95 -6.18
C SER A 177 -13.94 10.27 -7.54
N HIS A 178 -13.40 10.96 -8.55
CA HIS A 178 -13.10 10.33 -9.82
C HIS A 178 -11.73 9.69 -9.81
N LYS A 179 -11.63 8.51 -10.39
CA LYS A 179 -10.34 7.88 -10.61
C LYS A 179 -9.67 8.47 -11.85
N PRO A 180 -8.35 8.37 -11.97
CA PRO A 180 -7.66 8.98 -13.12
C PRO A 180 -7.85 8.22 -14.41
N ASP A 181 -7.88 8.96 -15.52
CA ASP A 181 -8.02 8.32 -16.83
C ASP A 181 -6.79 7.53 -17.23
N GLU A 182 -5.63 7.77 -16.61
CA GLU A 182 -4.44 7.02 -16.97
C GLU A 182 -4.60 5.52 -16.77
N ILE A 183 -5.45 5.10 -15.81
CA ILE A 183 -5.62 3.66 -15.54
C ILE A 183 -6.08 2.92 -16.79
N TYR A 184 -6.90 3.57 -17.64
CA TYR A 184 -7.40 2.91 -18.85
C TYR A 184 -6.30 2.74 -19.90
N GLY A 185 -5.41 3.72 -20.02
CA GLY A 185 -4.27 3.53 -20.92
C GLY A 185 -3.35 2.43 -20.42
N MET A 186 -3.12 2.40 -19.12
CA MET A 186 -2.32 1.33 -18.54
C MET A 186 -2.96 -0.02 -18.82
N ILE A 187 -4.29 -0.10 -18.72
CA ILE A 187 -4.99 -1.36 -18.90
C ILE A 187 -5.07 -1.74 -20.37
N GLU A 188 -5.24 -0.74 -21.25
CA GLU A 188 -5.19 -1.01 -22.68
C GLU A 188 -3.83 -1.55 -23.11
N ARG A 189 -2.75 -0.93 -22.63
CA ARG A 189 -1.42 -1.42 -23.03
C ARG A 189 -1.16 -2.82 -22.49
N LEU A 190 -1.72 -3.17 -21.33
CA LEU A 190 -1.46 -4.48 -20.77
C LEU A 190 -2.21 -5.56 -21.55
N SER A 191 -3.44 -5.23 -21.99
CA SER A 191 -4.32 -6.18 -22.67
C SER A 191 -5.05 -5.45 -23.79
N PRO A 192 -4.39 -5.20 -24.92
CA PRO A 192 -5.00 -4.38 -25.96
C PRO A 192 -6.09 -5.12 -26.72
N GLY A 193 -7.18 -4.41 -26.97
CA GLY A 193 -8.29 -4.90 -27.78
C GLY A 193 -9.23 -5.87 -27.11
N THR A 194 -8.93 -6.35 -25.90
CA THR A 194 -9.77 -7.33 -25.23
C THR A 194 -11.02 -6.67 -24.62
N ARG A 195 -11.97 -7.52 -24.22
CA ARG A 195 -13.19 -7.05 -23.56
C ARG A 195 -12.91 -6.75 -22.09
N LYS A 196 -13.38 -5.60 -21.62
CA LYS A 196 -13.20 -5.22 -20.22
C LYS A 196 -14.55 -4.79 -19.66
N ILE A 197 -14.70 -4.93 -18.34
CA ILE A 197 -15.92 -4.53 -17.67
C ILE A 197 -15.57 -3.73 -16.41
N GLU A 198 -16.31 -2.64 -16.20
CA GLU A 198 -16.12 -1.79 -15.04
C GLU A 198 -17.39 -1.86 -14.22
N LEU A 199 -17.20 -2.09 -12.92
CA LEU A 199 -18.27 -2.17 -11.94
C LEU A 199 -18.26 -0.89 -11.11
N PHE A 200 -19.45 -0.32 -10.92
CA PHE A 200 -19.61 0.93 -10.20
C PHE A 200 -18.99 2.09 -10.95
N GLY A 201 -19.05 2.06 -12.27
CA GLY A 201 -18.64 3.21 -13.04
C GLY A 201 -19.72 4.27 -13.06
N ARG A 202 -19.34 5.45 -13.53
CA ARG A 202 -20.23 6.58 -13.68
C ARG A 202 -20.14 7.03 -15.14
N PRO A 203 -21.00 7.96 -15.60
CA PRO A 203 -21.03 8.26 -17.04
C PRO A 203 -19.70 8.70 -17.62
N HIS A 204 -18.85 9.39 -16.84
CA HIS A 204 -17.52 9.74 -17.34
C HIS A 204 -16.61 8.53 -17.50
N ASN A 205 -16.96 7.38 -16.93
CA ASN A 205 -16.07 6.22 -17.01
C ASN A 205 -16.21 5.43 -18.32
N VAL A 206 -17.24 5.68 -19.13
CA VAL A 206 -17.47 4.80 -20.27
C VAL A 206 -16.34 4.98 -21.27
N GLN A 207 -15.85 3.87 -21.80
CA GLN A 207 -14.69 3.80 -22.68
C GLN A 207 -14.92 2.74 -23.74
N PRO A 208 -14.32 2.89 -24.92
CA PRO A 208 -14.33 1.80 -25.90
C PRO A 208 -13.72 0.54 -25.29
N ASN A 209 -14.17 -0.61 -25.80
CA ASN A 209 -13.78 -1.94 -25.35
C ASN A 209 -14.30 -2.23 -23.94
N TRP A 210 -14.94 -1.28 -23.28
CA TRP A 210 -15.43 -1.45 -21.92
C TRP A 210 -16.95 -1.49 -21.86
N ILE A 211 -17.46 -2.26 -20.91
CA ILE A 211 -18.87 -2.24 -20.54
C ILE A 211 -18.96 -1.70 -19.12
N THR A 212 -19.69 -0.62 -18.91
CA THR A 212 -19.75 0.04 -17.62
C THR A 212 -21.07 -0.28 -16.92
N LEU A 213 -20.99 -0.64 -15.64
CA LEU A 213 -22.17 -0.94 -14.83
C LEU A 213 -22.22 0.05 -13.69
N GLY A 214 -23.40 0.61 -13.45
CA GLY A 214 -23.56 1.58 -12.39
C GLY A 214 -25.00 2.08 -12.43
N ASN A 215 -25.44 2.59 -11.29
CA ASN A 215 -26.83 3.01 -11.19
C ASN A 215 -27.03 4.49 -11.53
N GLN A 216 -25.98 5.17 -11.96
CA GLN A 216 -26.07 6.56 -12.42
C GLN A 216 -25.86 6.69 -13.92
N LEU A 217 -25.88 5.58 -14.64
CA LEU A 217 -25.77 5.61 -16.09
C LEU A 217 -27.14 5.82 -16.70
N ASP A 218 -27.14 6.32 -17.92
CA ASP A 218 -28.38 6.65 -18.61
C ASP A 218 -28.81 5.41 -19.39
N GLY A 219 -29.65 4.58 -18.77
CA GLY A 219 -30.29 3.49 -19.48
C GLY A 219 -29.37 2.31 -19.76
N ILE A 220 -29.71 1.55 -20.80
CA ILE A 220 -28.99 0.34 -21.20
C ILE A 220 -28.53 0.53 -22.64
N HIS A 221 -27.21 0.66 -22.86
CA HIS A 221 -26.64 0.86 -24.19
C HIS A 221 -25.68 -0.29 -24.54
N LEU A 222 -26.13 -1.22 -25.38
CA LEU A 222 -25.40 -2.44 -25.66
C LEU A 222 -25.35 -2.68 -27.16
N LEU A 223 -24.17 -3.11 -27.63
CA LEU A 223 -23.90 -3.18 -29.05
C LEU A 223 -23.37 -4.55 -29.44
N ASP A 224 -22.70 -5.20 -28.50
CA ASP A 224 -22.17 -6.55 -28.72
C ASP A 224 -23.32 -7.53 -28.94
N PRO A 225 -23.39 -8.19 -30.10
CA PRO A 225 -24.56 -9.03 -30.40
C PRO A 225 -24.79 -10.19 -29.43
N ASP A 226 -23.73 -10.91 -29.03
CA ASP A 226 -23.90 -11.95 -28.03
C ASP A 226 -24.49 -11.39 -26.74
N VAL A 227 -24.01 -10.22 -26.31
CA VAL A 227 -24.52 -9.60 -25.10
C VAL A 227 -25.99 -9.21 -25.27
N VAL A 228 -26.34 -8.59 -26.40
CA VAL A 228 -27.72 -8.13 -26.61
C VAL A 228 -28.67 -9.31 -26.62
N ALA A 229 -28.24 -10.43 -27.18
CA ALA A 229 -29.05 -11.65 -27.18
C ALA A 229 -29.32 -12.13 -25.76
N ARG A 230 -28.25 -12.49 -25.03
CA ARG A 230 -28.43 -13.00 -23.67
C ARG A 230 -29.15 -11.99 -22.79
N PHE A 231 -28.98 -10.69 -23.05
CA PHE A 231 -29.74 -9.70 -22.30
C PHE A 231 -31.23 -9.81 -22.60
N LYS A 232 -31.59 -9.81 -23.89
CA LYS A 232 -32.99 -9.98 -24.26
C LYS A 232 -33.56 -11.28 -23.72
N GLN A 233 -32.78 -12.37 -23.81
CA GLN A 233 -33.26 -13.68 -23.33
C GLN A 233 -33.52 -13.65 -21.81
N ARG A 234 -32.60 -13.09 -21.02
CA ARG A 234 -32.76 -13.09 -19.57
C ARG A 234 -33.71 -11.99 -19.09
N TYR A 235 -33.85 -10.91 -19.85
CA TYR A 235 -34.73 -9.80 -19.50
C TYR A 235 -35.60 -9.43 -20.70
N PRO A 236 -36.60 -10.27 -21.03
CA PRO A 236 -37.46 -9.94 -22.18
C PRO A 236 -38.20 -8.62 -22.05
N ASP A 237 -38.61 -8.25 -20.83
CA ASP A 237 -39.33 -7.01 -20.58
C ASP A 237 -38.42 -5.84 -20.21
N GLY A 238 -37.10 -6.04 -20.19
CA GLY A 238 -36.16 -4.95 -19.97
C GLY A 238 -36.16 -4.32 -18.58
N ILE A 239 -36.27 -5.12 -17.53
CA ILE A 239 -36.22 -4.61 -16.17
C ILE A 239 -35.48 -5.61 -15.29
N ILE A 240 -34.39 -5.17 -14.68
CA ILE A 240 -33.68 -6.02 -13.72
C ILE A 240 -34.45 -6.10 -12.41
N TYR B 14 1.64 10.85 -18.01
CA TYR B 14 2.92 10.44 -17.43
C TYR B 14 3.10 8.93 -17.49
N CYS B 15 1.97 8.20 -17.61
CA CYS B 15 2.06 6.76 -17.82
C CYS B 15 2.43 6.44 -19.25
N GLN B 16 1.85 7.18 -20.20
CA GLN B 16 2.30 7.11 -21.57
C GLN B 16 3.76 7.51 -21.68
N HIS B 17 4.14 8.58 -20.97
CA HIS B 17 5.49 9.12 -21.07
C HIS B 17 6.54 8.13 -20.60
N PHE B 18 6.29 7.46 -19.46
CA PHE B 18 7.23 6.44 -18.99
C PHE B 18 7.39 5.32 -20.01
N VAL B 19 6.28 4.90 -20.62
CA VAL B 19 6.33 3.91 -21.68
C VAL B 19 7.22 4.41 -22.81
N ASP B 20 7.20 5.72 -23.08
CA ASP B 20 7.96 6.29 -24.19
C ASP B 20 9.45 6.46 -23.85
N THR B 21 9.77 6.88 -22.62
CA THR B 21 11.10 7.39 -22.30
C THR B 21 11.82 6.65 -21.18
N GLY B 22 11.11 5.91 -20.33
CA GLY B 22 11.71 5.28 -19.18
C GLY B 22 11.75 6.13 -17.93
N HIS B 23 11.20 7.33 -17.96
CA HIS B 23 11.12 8.20 -16.79
C HIS B 23 9.85 7.85 -16.02
N ARG B 24 10.01 7.28 -14.84
CA ARG B 24 8.88 6.96 -13.99
C ARG B 24 8.02 8.21 -13.78
N PRO B 25 6.70 8.08 -13.75
CA PRO B 25 5.85 9.26 -13.54
C PRO B 25 6.27 10.08 -12.33
N GLN B 26 6.77 9.44 -11.27
CA GLN B 26 7.13 10.18 -10.07
C GLN B 26 8.32 11.11 -10.28
N ASN B 27 9.07 10.97 -11.38
CA ASN B 27 10.19 11.86 -11.65
C ASN B 27 9.75 13.32 -11.80
N PHE B 28 8.47 13.55 -12.07
CA PHE B 28 8.00 14.90 -12.39
C PHE B 28 7.16 15.51 -11.29
N ILE B 29 7.03 14.86 -10.13
CA ILE B 29 6.52 15.56 -8.96
C ILE B 29 7.51 16.64 -8.58
N ARG B 30 7.01 17.83 -8.30
CA ARG B 30 7.83 18.93 -7.85
C ARG B 30 7.67 19.12 -6.34
N ASP B 31 8.67 19.77 -5.74
CA ASP B 31 8.64 20.11 -4.32
C ASP B 31 8.61 18.83 -3.47
N VAL B 32 9.66 18.02 -3.63
CA VAL B 32 9.74 16.73 -2.98
C VAL B 32 11.13 16.51 -2.37
N ARG B 45 4.13 27.64 8.30
CA ARG B 45 4.17 26.48 9.23
C ARG B 45 5.66 26.01 9.47
N GLU B 46 6.53 26.97 9.84
CA GLU B 46 7.92 26.65 10.16
C GLU B 46 8.14 26.33 11.63
N LEU B 47 7.05 25.98 12.35
CA LEU B 47 7.13 25.52 13.73
C LEU B 47 7.57 24.05 13.83
N ILE B 48 7.63 23.33 12.71
CA ILE B 48 8.16 21.97 12.70
C ILE B 48 9.57 21.94 13.26
N ARG B 49 10.29 23.08 13.23
CA ARG B 49 11.65 23.14 13.76
C ARG B 49 11.67 23.12 15.27
N LEU B 50 10.69 23.75 15.93
CA LEU B 50 10.65 23.68 17.38
C LEU B 50 10.35 22.25 17.84
N LYS B 51 9.34 21.62 17.24
CA LYS B 51 9.07 20.21 17.50
C LYS B 51 10.31 19.36 17.29
N ASP B 52 11.00 19.55 16.16
CA ASP B 52 12.23 18.82 15.90
C ASP B 52 13.27 19.07 16.99
N GLU B 53 13.32 20.30 17.53
CA GLU B 53 14.27 20.58 18.61
C GLU B 53 13.81 19.94 19.92
N LEU B 54 12.50 20.00 20.20
CA LEU B 54 11.96 19.28 21.36
C LEU B 54 12.22 17.78 21.24
N ILE B 55 12.02 17.21 20.06
CA ILE B 55 12.38 15.81 19.86
C ILE B 55 13.85 15.60 20.17
N ALA B 56 14.70 16.52 19.73
CA ALA B 56 16.14 16.34 19.92
C ALA B 56 16.55 16.44 21.38
N LYS B 57 15.96 17.38 22.13
CA LYS B 57 16.30 17.48 23.54
C LYS B 57 15.77 16.29 24.33
N SER B 58 14.62 15.75 23.93
CA SER B 58 14.00 14.63 24.63
C SER B 58 14.70 13.30 24.35
N ASN B 59 15.49 13.20 23.27
CA ASN B 59 16.01 11.92 22.80
C ASN B 59 16.98 11.28 23.78
N THR B 60 16.79 9.98 24.02
CA THR B 60 17.74 9.20 24.81
C THR B 60 19.05 9.05 24.06
N PRO B 61 20.14 8.78 24.77
CA PRO B 61 21.36 8.41 24.07
C PRO B 61 21.10 7.24 23.14
N PRO B 62 21.79 7.18 22.00
CA PRO B 62 21.61 6.03 21.12
C PRO B 62 22.09 4.77 21.79
N MET B 63 21.28 3.71 21.70
CA MET B 63 21.68 2.40 22.18
C MET B 63 21.48 1.35 21.11
N TYR B 64 22.30 0.31 21.20
CA TYR B 64 22.43 -0.61 20.09
C TYR B 64 23.02 -1.90 20.63
N LEU B 65 22.66 -3.00 19.97
CA LEU B 65 23.06 -4.34 20.40
C LEU B 65 23.18 -5.26 19.19
N GLN B 66 24.34 -5.89 19.03
CA GLN B 66 24.46 -6.96 18.06
C GLN B 66 23.73 -8.16 18.60
N ALA B 67 22.81 -8.72 17.81
CA ALA B 67 22.07 -9.92 18.23
C ALA B 67 21.58 -10.64 16.99
N ASP B 68 21.78 -11.95 16.94
CA ASP B 68 21.22 -12.75 15.86
C ASP B 68 19.75 -12.99 16.16
N ILE B 69 18.88 -12.24 15.49
CA ILE B 69 17.48 -12.17 15.89
C ILE B 69 16.73 -13.50 15.67
N GLU B 70 17.21 -14.36 14.78
CA GLU B 70 16.60 -15.68 14.69
C GLU B 70 16.81 -16.48 15.97
N ALA B 71 18.00 -16.37 16.57
CA ALA B 71 18.43 -17.17 17.71
C ALA B 71 18.26 -16.43 19.03
N PHE B 72 17.92 -15.15 18.98
CA PHE B 72 17.89 -14.29 20.14
C PHE B 72 16.55 -14.42 20.82
N ASP B 73 16.54 -14.41 22.15
CA ASP B 73 15.26 -14.45 22.85
C ASP B 73 14.76 -13.01 22.94
N ILE B 74 13.92 -12.65 21.97
CA ILE B 74 13.11 -11.44 22.07
C ILE B 74 12.33 -11.55 23.37
N ARG B 75 12.74 -10.75 24.36
CA ARG B 75 12.16 -10.66 25.69
C ARG B 75 13.23 -10.05 26.57
N GLU B 76 14.48 -10.46 26.35
CA GLU B 76 15.61 -9.77 26.94
C GLU B 76 15.56 -8.28 26.64
N LEU B 77 14.81 -7.88 25.61
CA LEU B 77 14.68 -6.49 25.20
C LEU B 77 13.59 -5.85 26.06
N THR B 78 14.00 -5.12 27.08
CA THR B 78 13.07 -4.47 27.99
C THR B 78 13.51 -3.01 28.15
N PRO B 79 12.58 -2.11 28.52
CA PRO B 79 11.17 -2.38 28.83
C PRO B 79 10.31 -2.53 27.57
N LYS B 80 8.99 -2.51 27.72
CA LYS B 80 8.11 -2.62 26.56
C LYS B 80 8.20 -1.33 25.75
N PHE B 81 8.11 -1.46 24.43
CA PHE B 81 8.39 -0.34 23.53
C PHE B 81 7.11 0.38 23.12
N ASP B 82 7.23 1.70 22.94
CA ASP B 82 6.13 2.49 22.42
C ASP B 82 6.07 2.40 20.91
N VAL B 83 7.21 2.31 20.27
CA VAL B 83 7.31 2.26 18.81
C VAL B 83 8.25 1.13 18.44
N ILE B 84 7.87 0.33 17.46
CA ILE B 84 8.76 -0.68 16.89
C ILE B 84 8.83 -0.43 15.40
N LEU B 85 10.04 -0.25 14.89
CA LEU B 85 10.33 -0.17 13.46
C LEU B 85 11.04 -1.45 13.07
N LEU B 86 10.50 -2.15 12.08
CA LEU B 86 10.91 -3.52 11.84
C LEU B 86 11.24 -3.66 10.37
N GLU B 87 12.48 -4.03 10.09
CA GLU B 87 13.08 -3.85 8.77
C GLU B 87 13.79 -5.14 8.35
N PRO B 88 13.05 -6.26 8.29
CA PRO B 88 13.70 -7.54 8.03
C PRO B 88 14.28 -7.57 6.63
N PRO B 89 15.41 -8.22 6.45
CA PRO B 89 16.04 -8.28 5.12
C PRO B 89 15.35 -9.25 4.16
N LEU B 90 14.39 -8.74 3.38
CA LEU B 90 13.62 -9.57 2.48
C LEU B 90 14.47 -10.04 1.31
N GLU B 91 14.14 -11.23 0.80
CA GLU B 91 14.88 -11.79 -0.34
C GLU B 91 14.83 -10.85 -1.53
N GLU B 92 13.68 -10.22 -1.76
CA GLU B 92 13.54 -9.32 -2.90
C GLU B 92 14.46 -8.12 -2.82
N TYR B 93 15.00 -7.79 -1.65
CA TYR B 93 15.98 -6.70 -1.59
C TYR B 93 17.28 -7.08 -2.28
N TYR B 94 17.57 -8.38 -2.45
CA TYR B 94 18.74 -8.88 -3.15
C TYR B 94 18.39 -9.54 -4.48
N ARG B 95 17.52 -8.92 -5.27
CA ARG B 95 17.25 -9.34 -6.65
C ARG B 95 18.25 -8.74 -7.61
N GLU B 96 19.52 -8.72 -7.23
CA GLU B 96 20.58 -8.11 -8.02
C GLU B 96 21.93 -8.39 -7.39
N LYS B 104 22.06 -13.58 5.26
CA LYS B 104 20.78 -14.25 5.48
C LYS B 104 19.57 -13.38 5.09
N CYS B 105 18.81 -13.80 4.10
CA CYS B 105 17.53 -13.15 3.79
C CYS B 105 16.44 -13.80 4.63
N TRP B 106 15.55 -12.96 5.18
CA TRP B 106 14.42 -13.45 5.98
C TRP B 106 13.19 -13.66 5.11
N THR B 107 12.53 -14.81 5.27
CA THR B 107 11.24 -15.01 4.63
C THR B 107 10.14 -14.49 5.53
N TRP B 108 8.96 -14.32 4.95
CA TRP B 108 7.81 -13.94 5.76
C TRP B 108 7.46 -15.04 6.75
N ASP B 109 7.81 -16.28 6.43
CA ASP B 109 7.74 -17.38 7.37
C ASP B 109 8.55 -17.06 8.62
N ASP B 110 9.81 -16.67 8.44
CA ASP B 110 10.65 -16.30 9.57
C ASP B 110 10.07 -15.11 10.32
N ILE B 111 9.64 -14.10 9.58
CA ILE B 111 9.21 -12.85 10.23
C ILE B 111 7.97 -13.11 11.06
N MET B 112 6.99 -13.81 10.47
CA MET B 112 5.72 -14.07 11.16
C MET B 112 5.91 -14.82 12.48
N LYS B 113 7.06 -15.45 12.68
CA LYS B 113 7.28 -16.20 13.90
C LYS B 113 7.96 -15.37 14.98
N LEU B 114 8.30 -14.12 14.69
CA LEU B 114 8.88 -13.25 15.72
C LEU B 114 7.85 -12.98 16.80
N GLU B 115 8.31 -12.91 18.04
CA GLU B 115 7.36 -12.72 19.14
C GLU B 115 7.16 -11.23 19.43
N ILE B 116 6.80 -10.48 18.39
CA ILE B 116 6.74 -9.03 18.53
C ILE B 116 5.76 -8.61 19.63
N ASP B 117 4.66 -9.36 19.80
CA ASP B 117 3.66 -8.99 20.79
C ASP B 117 4.21 -9.07 22.21
N GLU B 118 5.30 -9.80 22.41
CA GLU B 118 5.87 -9.98 23.73
C GLU B 118 6.68 -8.78 24.20
N ILE B 119 7.10 -7.88 23.30
CA ILE B 119 7.87 -6.70 23.69
C ILE B 119 7.16 -5.39 23.34
N ALA B 120 5.94 -5.44 22.81
CA ALA B 120 5.20 -4.22 22.51
C ALA B 120 4.40 -3.77 23.72
N ALA B 121 4.44 -2.47 24.01
CA ALA B 121 3.64 -1.97 25.11
C ALA B 121 2.17 -2.06 24.75
N PRO B 122 1.28 -2.17 25.75
CA PRO B 122 -0.15 -2.40 25.46
C PRO B 122 -0.76 -1.34 24.57
N ARG B 123 -0.32 -0.10 24.68
CA ARG B 123 -0.57 0.92 23.66
C ARG B 123 0.77 1.16 23.01
N SER B 124 0.90 0.81 21.73
CA SER B 124 2.17 0.95 21.03
C SER B 124 1.91 0.98 19.53
N PHE B 125 2.99 1.18 18.78
CA PHE B 125 2.92 1.37 17.35
C PHE B 125 3.99 0.52 16.69
N ILE B 126 3.68 0.06 15.47
CA ILE B 126 4.64 -0.67 14.67
C ILE B 126 4.72 -0.02 13.31
N PHE B 127 5.92 -0.04 12.74
CA PHE B 127 6.16 0.40 11.37
C PHE B 127 6.93 -0.72 10.73
N LEU B 128 6.32 -1.37 9.74
CA LEU B 128 6.85 -2.59 9.15
C LEU B 128 7.14 -2.36 7.68
N TRP B 129 8.41 -2.56 7.29
CA TRP B 129 8.79 -2.44 5.88
C TRP B 129 8.41 -3.75 5.18
N CYS B 130 7.54 -3.67 4.17
CA CYS B 130 6.95 -4.86 3.55
C CYS B 130 7.39 -5.07 2.11
N GLY B 131 8.14 -4.14 1.53
CA GLY B 131 8.59 -4.30 0.16
C GLY B 131 7.48 -3.97 -0.80
N SER B 132 7.35 -4.71 -1.88
CA SER B 132 6.25 -4.49 -2.80
C SER B 132 5.67 -5.77 -3.34
N GLY B 133 5.96 -6.91 -2.73
CA GLY B 133 5.46 -8.16 -3.26
C GLY B 133 4.43 -8.77 -2.33
N GLU B 134 4.55 -10.08 -2.09
CA GLU B 134 3.73 -10.76 -1.10
C GLU B 134 3.76 -10.05 0.26
N GLY B 135 4.86 -9.37 0.58
CA GLY B 135 4.92 -8.59 1.82
C GLY B 135 3.70 -7.69 2.07
N LEU B 136 3.05 -7.21 1.02
CA LEU B 136 1.96 -6.29 1.32
C LEU B 136 0.78 -7.05 1.89
N ASP B 137 0.73 -8.36 1.67
CA ASP B 137 -0.27 -9.24 2.23
C ASP B 137 0.25 -9.93 3.49
N LEU B 138 1.40 -10.61 3.39
CA LEU B 138 1.98 -11.27 4.55
C LEU B 138 2.31 -10.28 5.66
N GLY B 139 2.69 -9.05 5.32
CA GLY B 139 2.95 -8.08 6.38
C GLY B 139 1.68 -7.67 7.11
N ARG B 140 0.54 -7.67 6.42
CA ARG B 140 -0.70 -7.41 7.14
C ARG B 140 -1.04 -8.59 8.05
N VAL B 141 -0.73 -9.82 7.63
CA VAL B 141 -0.99 -10.96 8.50
C VAL B 141 -0.21 -10.83 9.79
N CYS B 142 1.07 -10.44 9.68
CA CYS B 142 1.90 -10.24 10.87
C CYS B 142 1.30 -9.20 11.79
N LEU B 143 0.86 -8.07 11.23
CA LEU B 143 0.34 -7.00 12.06
C LEU B 143 -0.85 -7.50 12.87
N ARG B 144 -1.73 -8.29 12.23
CA ARG B 144 -2.87 -8.83 12.97
C ARG B 144 -2.41 -9.94 13.92
N LYS B 145 -1.43 -10.73 13.52
CA LYS B 145 -0.93 -11.77 14.42
C LYS B 145 -0.35 -11.19 15.71
N TRP B 146 0.35 -10.06 15.61
CA TRP B 146 0.95 -9.40 16.78
C TRP B 146 -0.01 -8.47 17.50
N GLY B 147 -1.23 -8.27 16.98
CA GLY B 147 -2.25 -7.53 17.69
C GLY B 147 -2.51 -6.11 17.25
N TYR B 148 -2.07 -5.69 16.06
CA TYR B 148 -2.24 -4.31 15.63
C TYR B 148 -3.30 -4.20 14.55
N ARG B 149 -3.88 -3.02 14.46
CA ARG B 149 -4.68 -2.66 13.30
C ARG B 149 -3.85 -1.72 12.43
N ARG B 150 -3.91 -1.92 11.12
CA ARG B 150 -3.22 -1.03 10.19
C ARG B 150 -3.96 0.30 10.14
N CYS B 151 -3.27 1.42 10.39
CA CYS B 151 -3.95 2.69 10.22
C CYS B 151 -3.33 3.60 9.17
N GLU B 152 -2.06 3.43 8.81
CA GLU B 152 -1.48 4.14 7.69
C GLU B 152 -0.66 3.18 6.85
N ASP B 153 -0.62 3.47 5.57
CA ASP B 153 0.17 2.75 4.59
C ASP B 153 1.09 3.82 4.00
N ILE B 154 2.34 3.84 4.46
CA ILE B 154 3.32 4.84 4.03
C ILE B 154 4.11 4.29 2.85
N CYS B 155 4.19 5.07 1.79
CA CYS B 155 4.64 4.53 0.52
C CYS B 155 5.93 5.23 0.12
N TRP B 156 6.98 4.47 -0.11
CA TRP B 156 8.29 5.03 -0.50
C TRP B 156 8.41 4.93 -2.02
N ILE B 157 8.17 6.04 -2.68
CA ILE B 157 8.17 6.12 -4.13
C ILE B 157 9.58 6.45 -4.61
N LYS B 158 10.10 5.66 -5.55
CA LYS B 158 11.51 5.75 -5.97
C LYS B 158 11.61 6.34 -7.36
N THR B 159 12.25 7.51 -7.47
CA THR B 159 12.50 8.15 -8.77
C THR B 159 13.73 7.54 -9.46
N ASN B 160 13.78 7.65 -10.78
CA ASN B 160 14.93 7.17 -11.56
C ASN B 160 15.43 8.24 -12.52
N LYS B 161 15.52 9.49 -12.04
CA LYS B 161 15.99 10.58 -12.90
C LYS B 161 17.39 10.31 -13.43
N ASN B 162 18.25 9.69 -12.63
CA ASN B 162 19.65 9.51 -12.98
C ASN B 162 19.92 8.22 -13.74
N ASN B 163 18.89 7.43 -14.06
CA ASN B 163 19.05 6.33 -14.99
C ASN B 163 17.69 5.93 -15.57
N PRO B 164 17.13 6.73 -16.51
CA PRO B 164 15.94 6.35 -17.26
C PRO B 164 16.05 5.00 -17.95
N LYS B 168 13.71 -2.95 -15.11
CA LYS B 168 14.62 -4.03 -14.71
C LYS B 168 13.98 -5.41 -14.92
N THR B 169 14.30 -6.35 -14.02
CA THR B 169 13.80 -7.73 -14.10
C THR B 169 12.64 -7.89 -13.11
N LEU B 170 11.49 -8.29 -13.63
CA LEU B 170 10.25 -8.32 -12.85
C LEU B 170 10.09 -9.60 -12.06
N ASP B 171 9.42 -9.50 -10.90
CA ASP B 171 8.87 -10.66 -10.24
C ASP B 171 8.08 -11.50 -11.26
N PRO B 172 8.12 -12.82 -11.17
CA PRO B 172 7.31 -13.64 -12.09
C PRO B 172 5.84 -13.26 -12.09
N LYS B 173 5.29 -13.02 -10.90
CA LYS B 173 3.87 -12.70 -10.77
C LYS B 173 3.56 -11.25 -11.14
N ALA B 174 4.56 -10.40 -11.31
CA ALA B 174 4.33 -8.96 -11.51
C ALA B 174 3.59 -8.68 -12.82
N VAL B 175 2.63 -7.77 -12.73
CA VAL B 175 1.96 -7.25 -13.91
C VAL B 175 2.62 -5.95 -14.37
N PHE B 176 3.08 -5.16 -13.41
CA PHE B 176 3.66 -3.86 -13.66
C PHE B 176 5.06 -3.82 -13.10
N GLN B 177 5.77 -2.78 -13.46
CA GLN B 177 7.14 -2.59 -13.01
C GLN B 177 7.09 -1.91 -11.65
N ARG B 178 7.82 -2.46 -10.68
CA ARG B 178 7.66 -2.08 -9.28
C ARG B 178 8.63 -0.96 -8.92
N THR B 179 8.08 0.22 -8.57
CA THR B 179 8.91 1.39 -8.31
C THR B 179 8.70 1.98 -6.92
N LYS B 180 8.14 1.23 -5.98
CA LYS B 180 7.88 1.74 -4.65
C LYS B 180 8.04 0.62 -3.62
N GLU B 181 8.13 1.00 -2.36
CA GLU B 181 8.07 0.06 -1.23
C GLU B 181 7.07 0.60 -0.24
N HIS B 182 6.50 -0.29 0.58
CA HIS B 182 5.45 0.04 1.53
C HIS B 182 5.94 -0.16 2.96
N CYS B 183 5.65 0.80 3.82
CA CYS B 183 5.91 0.69 5.25
C CYS B 183 4.57 0.81 5.94
N LEU B 184 4.10 -0.29 6.53
CA LEU B 184 2.77 -0.34 7.15
C LEU B 184 2.85 0.11 8.59
N MET B 185 1.95 1.01 8.96
CA MET B 185 1.85 1.54 10.32
C MET B 185 0.72 0.85 11.06
N GLY B 186 1.04 0.22 12.19
CA GLY B 186 0.06 -0.46 13.00
C GLY B 186 -0.01 0.18 14.37
N ILE B 187 -1.22 0.16 14.94
CA ILE B 187 -1.50 0.63 16.29
C ILE B 187 -2.16 -0.51 17.05
N LYS B 188 -1.86 -0.60 18.34
CA LYS B 188 -2.60 -1.45 19.27
C LYS B 188 -2.92 -0.66 20.52
N GLY B 189 -4.15 -0.77 21.00
CA GLY B 189 -4.59 0.00 22.13
C GLY B 189 -5.37 1.24 21.73
N THR B 190 -5.61 2.10 22.72
CA THR B 190 -6.32 3.36 22.52
C THR B 190 -5.41 4.44 21.93
N VAL B 204 0.41 16.57 10.15
CA VAL B 204 1.53 17.38 9.69
C VAL B 204 2.23 16.77 8.46
N ASP B 205 2.35 15.44 8.43
CA ASP B 205 3.12 14.72 7.42
C ASP B 205 2.19 14.02 6.43
N ILE B 206 2.75 13.74 5.26
CA ILE B 206 2.07 12.98 4.21
C ILE B 206 2.48 11.51 4.35
N ASP B 207 1.71 10.62 3.73
CA ASP B 207 2.01 9.20 3.75
C ASP B 207 2.87 8.77 2.57
N LEU B 208 3.70 9.69 2.05
CA LEU B 208 4.52 9.46 0.88
C LEU B 208 5.95 9.90 1.17
N ILE B 209 6.92 9.09 0.80
CA ILE B 209 8.33 9.48 0.76
C ILE B 209 8.81 9.36 -0.68
N ILE B 210 9.45 10.42 -1.19
CA ILE B 210 9.97 10.42 -2.56
C ILE B 210 11.45 10.71 -2.52
N THR B 211 12.23 9.71 -2.92
CA THR B 211 13.67 9.85 -3.09
C THR B 211 14.05 9.08 -4.35
N GLU B 212 15.30 9.27 -4.78
CA GLU B 212 15.82 8.56 -5.93
C GLU B 212 16.21 7.15 -5.54
N GLU B 213 16.06 6.23 -6.49
CA GLU B 213 16.30 4.84 -6.19
C GLU B 213 17.76 4.57 -5.87
N PRO B 214 18.05 3.88 -4.78
CA PRO B 214 19.45 3.64 -4.40
C PRO B 214 20.15 2.73 -5.40
N GLU B 215 21.49 2.79 -5.35
CA GLU B 215 22.33 1.95 -6.19
C GLU B 215 22.07 0.47 -5.91
N ILE B 216 22.31 -0.37 -6.93
CA ILE B 216 21.97 -1.78 -6.80
C ILE B 216 22.65 -2.36 -5.57
N GLY B 217 21.89 -3.12 -4.78
CA GLY B 217 22.45 -3.72 -3.59
C GLY B 217 22.59 -2.81 -2.38
N ASN B 218 22.21 -1.53 -2.50
CA ASN B 218 22.04 -0.70 -1.31
C ASN B 218 20.66 -0.97 -0.75
N ILE B 219 20.60 -1.46 0.49
CA ILE B 219 19.34 -1.86 1.10
C ILE B 219 18.74 -0.78 1.99
N GLU B 220 19.40 0.36 2.15
CA GLU B 220 19.00 1.33 3.16
C GLU B 220 17.61 1.90 2.87
N LYS B 221 16.82 2.10 3.93
CA LYS B 221 15.58 2.78 3.63
C LYS B 221 15.73 4.26 3.89
N PRO B 222 14.94 5.10 3.22
CA PRO B 222 15.08 6.54 3.41
C PRO B 222 14.95 6.90 4.89
N VAL B 223 15.93 7.66 5.38
CA VAL B 223 15.93 8.15 6.74
C VAL B 223 14.72 9.02 7.06
N GLU B 224 13.96 9.45 6.03
CA GLU B 224 12.75 10.22 6.28
C GLU B 224 11.74 9.44 7.13
N ILE B 225 11.75 8.11 7.05
CA ILE B 225 10.83 7.33 7.86
C ILE B 225 11.00 7.68 9.33
N PHE B 226 12.24 7.97 9.76
CA PHE B 226 12.44 8.31 11.16
C PHE B 226 11.79 9.63 11.50
N HIS B 227 11.76 10.56 10.54
CA HIS B 227 11.14 11.85 10.81
C HIS B 227 9.65 11.71 10.95
N ILE B 228 9.01 10.99 10.03
CA ILE B 228 7.58 10.70 10.16
C ILE B 228 7.30 10.07 11.53
N ILE B 229 8.11 9.09 11.92
CA ILE B 229 7.82 8.40 13.17
C ILE B 229 7.95 9.35 14.34
N GLU B 230 9.08 10.06 14.43
CA GLU B 230 9.32 10.91 15.59
C GLU B 230 8.31 12.05 15.66
N HIS B 231 7.87 12.57 14.51
CA HIS B 231 6.87 13.64 14.53
C HIS B 231 5.51 13.19 15.05
N PHE B 232 5.23 11.89 15.10
CA PHE B 232 3.97 11.45 15.70
C PHE B 232 3.95 11.65 17.21
N CYS B 233 5.12 11.73 17.85
CA CYS B 233 5.22 11.91 19.31
C CYS B 233 4.52 10.77 20.08
N LEU B 234 4.95 9.54 19.80
CA LEU B 234 4.28 8.35 20.31
C LEU B 234 4.92 7.78 21.57
N GLY B 235 5.87 8.46 22.17
CA GLY B 235 6.59 7.91 23.30
C GLY B 235 8.05 7.70 22.97
N ARG B 236 8.80 7.30 23.99
CA ARG B 236 10.26 7.35 23.89
C ARG B 236 10.94 5.99 23.87
N ARG B 237 10.26 4.89 24.16
CA ARG B 237 10.87 3.56 23.96
CA ARG B 237 10.86 3.57 23.96
C ARG B 237 10.71 3.20 22.49
N ARG B 238 11.77 3.43 21.72
CA ARG B 238 11.74 3.19 20.29
C ARG B 238 12.74 2.10 19.96
N LEU B 239 12.28 1.06 19.27
CA LEU B 239 13.12 -0.10 18.94
C LEU B 239 13.18 -0.22 17.43
N HIS B 240 14.37 -0.46 16.89
CA HIS B 240 14.57 -0.66 15.46
C HIS B 240 15.18 -2.03 15.28
N LEU B 241 14.39 -2.97 14.78
CA LEU B 241 14.85 -4.35 14.67
C LEU B 241 15.43 -4.52 13.29
N PHE B 242 16.65 -5.08 13.22
CA PHE B 242 17.37 -5.27 11.97
C PHE B 242 17.95 -3.94 11.46
N GLY B 243 18.16 -2.97 12.33
CA GLY B 243 18.98 -1.83 12.00
C GLY B 243 20.43 -2.25 11.81
N ARG B 244 21.25 -1.26 11.47
CA ARG B 244 22.65 -1.48 11.14
C ARG B 244 23.49 -0.38 11.80
N ASP B 245 24.81 -0.52 11.76
CA ASP B 245 25.70 0.57 12.18
C ASP B 245 25.24 1.89 11.58
N SER B 246 24.85 1.86 10.31
CA SER B 246 24.47 3.06 9.56
C SER B 246 23.11 3.64 9.94
N THR B 247 22.30 2.96 10.72
CA THR B 247 20.99 3.49 11.08
C THR B 247 20.91 3.94 12.52
N ILE B 248 21.96 3.71 13.32
CA ILE B 248 21.95 4.10 14.71
C ILE B 248 21.71 5.59 14.85
N ARG B 249 20.97 5.96 15.88
CA ARG B 249 20.32 7.25 15.85
C ARG B 249 19.93 7.60 17.28
N PRO B 250 20.01 8.87 17.69
CA PRO B 250 19.59 9.22 19.05
C PRO B 250 18.10 8.99 19.24
N GLY B 251 17.74 8.60 20.45
CA GLY B 251 16.34 8.27 20.72
C GLY B 251 15.91 6.89 20.29
N TRP B 252 16.83 6.04 19.84
CA TRP B 252 16.46 4.74 19.33
C TRP B 252 17.35 3.68 19.91
N LEU B 253 16.77 2.51 20.16
CA LEU B 253 17.52 1.29 20.41
C LEU B 253 17.52 0.44 19.15
N THR B 254 18.71 0.21 18.61
CA THR B 254 18.91 -0.58 17.42
C THR B 254 19.41 -1.98 17.76
N VAL B 255 18.79 -2.99 17.16
CA VAL B 255 19.13 -4.39 17.41
C VAL B 255 19.18 -5.12 16.08
N GLY B 256 20.34 -5.65 15.73
CA GLY B 256 20.47 -6.32 14.46
C GLY B 256 21.70 -7.17 14.42
N PRO B 257 21.75 -8.13 13.50
CA PRO B 257 22.86 -9.07 13.47
C PRO B 257 24.15 -8.48 12.94
N THR B 258 24.12 -7.40 12.19
CA THR B 258 25.35 -6.91 11.57
C THR B 258 25.99 -5.75 12.31
N LEU B 259 25.42 -5.31 13.43
CA LEU B 259 26.08 -4.32 14.27
C LEU B 259 27.46 -4.79 14.66
N THR B 260 28.45 -3.90 14.58
CA THR B 260 29.80 -4.29 14.95
C THR B 260 30.11 -4.03 16.41
N ASN B 261 29.33 -3.17 17.08
CA ASN B 261 29.49 -2.89 18.50
C ASN B 261 28.13 -2.90 19.18
N SER B 262 28.17 -3.09 20.50
CA SER B 262 26.99 -3.00 21.36
C SER B 262 27.29 -2.11 22.54
N ASN B 263 26.27 -1.40 23.02
CA ASN B 263 26.35 -0.69 24.30
C ASN B 263 25.10 -0.94 25.14
N TYR B 264 24.23 -1.84 24.71
CA TYR B 264 22.94 -2.01 25.36
C TYR B 264 23.09 -2.57 26.76
N ASN B 265 22.39 -1.98 27.71
CA ASN B 265 22.23 -2.53 29.05
C ASN B 265 20.81 -2.27 29.51
N ALA B 266 20.07 -3.35 29.81
CA ALA B 266 18.63 -3.22 30.07
C ALA B 266 18.37 -2.33 31.28
N GLU B 267 19.21 -2.45 32.31
CA GLU B 267 19.03 -1.58 33.45
C GLU B 267 19.35 -0.14 33.10
N THR B 268 20.46 0.11 32.39
CA THR B 268 20.74 1.48 31.94
C THR B 268 19.63 2.02 31.04
N TYR B 269 19.16 1.19 30.11
CA TYR B 269 18.11 1.63 29.20
C TYR B 269 16.83 2.00 29.96
N ALA B 270 16.41 1.12 30.89
CA ALA B 270 15.20 1.39 31.65
C ALA B 270 15.32 2.66 32.48
N SER B 271 16.53 2.99 32.91
CA SER B 271 16.67 4.20 33.71
C SER B 271 16.34 5.47 32.94
N TYR B 272 16.36 5.47 31.60
CA TYR B 272 15.97 6.69 30.88
C TYR B 272 14.47 6.96 30.95
N PHE B 273 13.68 5.97 31.37
CA PHE B 273 12.24 6.11 31.40
C PHE B 273 11.68 5.92 32.81
N SER B 274 12.55 5.83 33.79
CA SER B 274 12.12 5.83 35.17
C SER B 274 11.49 7.18 35.51
N ALA B 275 10.61 7.17 36.51
CA ALA B 275 9.92 8.39 36.92
C ALA B 275 10.92 9.51 37.17
N PRO B 276 10.58 10.77 36.87
CA PRO B 276 9.29 11.21 36.35
C PRO B 276 9.21 11.22 34.81
N ASN B 277 9.90 10.33 34.11
CA ASN B 277 10.00 10.46 32.67
C ASN B 277 9.31 9.32 31.92
N SER B 278 8.43 8.58 32.61
CA SER B 278 7.89 7.33 32.08
C SER B 278 6.93 7.56 30.91
N TYR B 279 6.27 8.72 30.85
CA TYR B 279 5.14 8.91 29.94
C TYR B 279 5.34 10.08 28.97
N LEU B 280 6.54 10.63 28.88
CA LEU B 280 6.78 11.71 27.93
C LEU B 280 6.49 11.23 26.51
N THR B 281 5.95 12.14 25.69
CA THR B 281 5.69 11.80 24.29
C THR B 281 6.95 11.77 23.44
N GLY B 282 8.06 12.29 23.96
CA GLY B 282 9.18 12.57 23.10
C GLY B 282 9.10 13.91 22.41
N CYS B 283 8.02 14.68 22.65
CA CYS B 283 7.80 15.98 22.02
C CYS B 283 7.50 17.07 23.05
N THR B 284 7.82 16.86 24.32
CA THR B 284 7.65 17.90 25.33
C THR B 284 9.01 18.22 25.94
N GLU B 285 9.04 19.25 26.79
CA GLU B 285 10.27 19.64 27.45
C GLU B 285 10.72 18.56 28.44
N GLU B 286 12.02 18.55 28.72
CA GLU B 286 12.55 17.63 29.73
C GLU B 286 12.02 18.04 31.11
N ILE B 287 11.71 17.03 31.94
CA ILE B 287 11.21 17.28 33.29
C ILE B 287 12.38 17.74 34.16
N GLU B 288 12.28 18.97 34.70
CA GLU B 288 13.39 19.64 35.38
C GLU B 288 13.95 18.86 36.58
#